data_1USH
#
_entry.id   1USH
#
_cell.length_a   83.610
_cell.length_b   83.610
_cell.length_c   181.630
_cell.angle_alpha   90.00
_cell.angle_beta   90.00
_cell.angle_gamma   90.00
#
_symmetry.space_group_name_H-M   'P 41 21 2'
#
loop_
_entity.id
_entity.type
_entity.pdbx_description
1 polymer "5'-NUCLEOTIDASE"
2 non-polymer 'ZINC ION'
3 non-polymer 'CARBONATE ION'
4 non-polymer 'SULFATE ION'
5 water water
#
_entity_poly.entity_id   1
_entity_poly.type   'polypeptide(L)'
_entity_poly.pdbx_seq_one_letter_code
;MKLLQRGVALALLTTFTLASETALAYEQDKTYKITVLHTNDHHGHFWRNEYGEYGLAAQKTLVDGIRKEVAAEGGSVLLL
SGGDINTGVPESDLQDAEPDFRGMNLVGYDAMAIGNHEFDNPLTVLRQQEKWAKFPLLSANIYQKSTGERLFKPWALFKR
QDLKIAVIGLTTDDTAKIGNPEYFTDIEFRKPADEAKLVIQELQQTEKPDIIIAATHMGHYDNGEHGSNAPGDVEMARAL
PAGSLAMIVGGHSQDPVCMAAENKKQVDYVPGTPCKPDQQNGIWIVQAHEWGKYVGRADFEFRNGEMKMVNYQLIPVNLK
KKVTWEDGKSERVLYTPEIAENQQMISLLSPFQNKGKAQLEVKIGETNGRLEGDRDKVRFVQTNMGRLILAAQMDRTGAD
FAVMSGGGIRDSIEAGDISYKNVLKVQPFGNVVVYADMTGKEVIDYLTAVAQMKPDSGAYPQFANVSFVAKDGKLNDLKI
KGEPVDPAKTYRMATLNFNATGGDGYPRLDNKPGYVNTGFIDAEVLKAYIQKSSPLDVSVYEPKGEVSWQ
;
_entity_poly.pdbx_strand_id   A
#
loop_
_chem_comp.id
_chem_comp.type
_chem_comp.name
_chem_comp.formula
CO3 non-polymer 'CARBONATE ION' 'C O3 -2'
SO4 non-polymer 'SULFATE ION' 'O4 S -2'
ZN non-polymer 'ZINC ION' 'Zn 2'
#
# COMPACT_ATOMS: atom_id res chain seq x y z
N TYR A 26 -8.94 -37.27 3.20
CA TYR A 26 -8.52 -37.37 1.77
C TYR A 26 -8.27 -38.84 1.42
N GLU A 27 -8.32 -39.20 0.15
CA GLU A 27 -8.04 -40.58 -0.24
C GLU A 27 -6.54 -40.84 -0.15
N GLN A 28 -6.22 -42.08 0.24
CA GLN A 28 -4.85 -42.49 0.34
C GLN A 28 -4.35 -42.64 -1.07
N ASP A 29 -3.10 -42.28 -1.29
CA ASP A 29 -2.45 -42.43 -2.59
C ASP A 29 -3.10 -41.65 -3.72
N LYS A 30 -3.97 -40.71 -3.37
CA LYS A 30 -4.61 -39.87 -4.39
C LYS A 30 -3.79 -38.57 -4.54
N THR A 31 -3.60 -38.14 -5.78
CA THR A 31 -2.86 -36.93 -6.08
C THR A 31 -3.85 -35.84 -6.50
N TYR A 32 -3.92 -34.79 -5.69
CA TYR A 32 -4.80 -33.67 -5.94
C TYR A 32 -4.03 -32.51 -6.54
N LYS A 33 -4.57 -31.92 -7.58
CA LYS A 33 -3.87 -30.77 -8.16
C LYS A 33 -4.64 -29.56 -7.65
N ILE A 34 -3.91 -28.63 -7.05
CA ILE A 34 -4.55 -27.45 -6.49
C ILE A 34 -3.81 -26.23 -7.02
N THR A 35 -4.56 -25.30 -7.59
CA THR A 35 -3.92 -24.10 -8.09
C THR A 35 -4.36 -22.95 -7.18
N VAL A 36 -3.39 -22.24 -6.61
CA VAL A 36 -3.69 -21.10 -5.77
C VAL A 36 -3.35 -19.84 -6.56
N LEU A 37 -4.35 -19.02 -6.83
CA LEU A 37 -4.15 -17.75 -7.51
C LEU A 37 -4.12 -16.67 -6.42
N HIS A 38 -3.35 -15.62 -6.62
CA HIS A 38 -3.32 -14.58 -5.60
C HIS A 38 -2.97 -13.19 -6.11
N THR A 39 -3.48 -12.18 -5.40
CA THR A 39 -3.20 -10.77 -5.69
C THR A 39 -3.11 -10.08 -4.32
N ASN A 40 -2.67 -8.82 -4.33
CA ASN A 40 -2.54 -8.09 -3.08
C ASN A 40 -2.37 -6.61 -3.36
N ASP A 41 -2.59 -5.81 -2.32
CA ASP A 41 -2.43 -4.37 -2.41
C ASP A 41 -3.07 -3.76 -3.66
N HIS A 42 -4.32 -4.18 -3.87
CA HIS A 42 -5.15 -3.72 -4.96
C HIS A 42 -5.25 -2.18 -4.94
N HIS A 43 -5.42 -1.61 -3.74
CA HIS A 43 -5.48 -0.16 -3.55
C HIS A 43 -6.32 0.66 -4.52
N GLY A 44 -7.60 0.28 -4.66
CA GLY A 44 -8.56 1.00 -5.48
C GLY A 44 -8.48 0.88 -6.98
N HIS A 45 -7.60 0.01 -7.48
CA HIS A 45 -7.44 -0.14 -8.91
C HIS A 45 -8.46 -1.05 -9.63
N PHE A 46 -9.75 -0.82 -9.41
CA PHE A 46 -10.76 -1.63 -10.04
C PHE A 46 -10.78 -1.37 -11.55
N TRP A 47 -10.36 -0.17 -11.96
CA TRP A 47 -10.41 0.18 -13.39
C TRP A 47 -9.02 0.09 -14.03
N ARG A 48 -8.98 -0.10 -15.34
CA ARG A 48 -7.73 -0.17 -16.10
C ARG A 48 -7.15 1.24 -16.02
N ASN A 49 -5.83 1.35 -16.13
CA ASN A 49 -5.22 2.68 -16.08
C ASN A 49 -5.27 3.32 -17.46
N GLU A 50 -4.67 4.51 -17.57
CA GLU A 50 -4.70 5.25 -18.81
C GLU A 50 -4.05 4.56 -19.97
N TYR A 51 -3.19 3.58 -19.71
CA TYR A 51 -2.52 2.88 -20.80
C TYR A 51 -3.14 1.50 -21.09
N GLY A 52 -4.33 1.29 -20.54
CA GLY A 52 -5.05 0.04 -20.72
C GLY A 52 -4.47 -1.12 -19.92
N GLU A 53 -3.74 -0.79 -18.86
CA GLU A 53 -3.13 -1.82 -18.03
C GLU A 53 -4.02 -2.22 -16.88
N TYR A 54 -3.91 -3.48 -16.48
CA TYR A 54 -4.66 -4.03 -15.34
C TYR A 54 -6.15 -3.72 -15.29
N GLY A 55 -6.71 -3.63 -14.08
CA GLY A 55 -8.15 -3.42 -13.91
C GLY A 55 -8.80 -4.79 -13.61
N LEU A 56 -9.95 -4.81 -12.96
CA LEU A 56 -10.57 -6.09 -12.62
C LEU A 56 -11.30 -6.78 -13.76
N ALA A 57 -11.62 -6.04 -14.83
CA ALA A 57 -12.33 -6.64 -15.98
C ALA A 57 -11.37 -7.59 -16.71
N ALA A 58 -10.11 -7.19 -16.85
CA ALA A 58 -9.13 -8.07 -17.49
C ALA A 58 -8.81 -9.19 -16.49
N GLN A 59 -8.76 -8.87 -15.19
CA GLN A 59 -8.46 -9.90 -14.19
C GLN A 59 -9.49 -11.04 -14.24
N LYS A 60 -10.75 -10.66 -14.37
CA LYS A 60 -11.88 -11.59 -14.47
C LYS A 60 -11.67 -12.56 -15.66
N THR A 61 -11.36 -12.00 -16.81
CA THR A 61 -11.16 -12.83 -17.98
C THR A 61 -10.05 -13.83 -17.70
N LEU A 62 -8.95 -13.35 -17.12
CA LEU A 62 -7.81 -14.23 -16.82
C LEU A 62 -8.19 -15.31 -15.81
N VAL A 63 -8.77 -14.90 -14.68
CA VAL A 63 -9.16 -15.89 -13.67
C VAL A 63 -10.20 -16.90 -14.21
N ASP A 64 -11.21 -16.41 -14.95
CA ASP A 64 -12.19 -17.33 -15.52
C ASP A 64 -11.43 -18.36 -16.38
N GLY A 65 -10.47 -17.88 -17.16
CA GLY A 65 -9.70 -18.76 -18.05
C GLY A 65 -8.93 -19.86 -17.34
N ILE A 66 -8.23 -19.47 -16.28
CA ILE A 66 -7.49 -20.43 -15.49
C ILE A 66 -8.48 -21.42 -14.83
N ARG A 67 -9.61 -20.96 -14.30
CA ARG A 67 -10.57 -21.90 -13.70
C ARG A 67 -11.03 -22.95 -14.73
N LYS A 68 -11.28 -22.51 -15.96
CA LYS A 68 -11.72 -23.42 -17.03
C LYS A 68 -10.63 -24.44 -17.29
N GLU A 69 -9.39 -23.97 -17.41
CA GLU A 69 -8.23 -24.82 -17.64
C GLU A 69 -8.12 -25.87 -16.57
N VAL A 70 -8.06 -25.42 -15.33
CA VAL A 70 -7.92 -26.33 -14.18
C VAL A 70 -9.10 -27.29 -14.00
N ALA A 71 -10.32 -26.81 -14.24
CA ALA A 71 -11.51 -27.64 -14.12
C ALA A 71 -11.34 -28.80 -15.12
N ALA A 72 -10.92 -28.46 -16.34
CA ALA A 72 -10.74 -29.48 -17.37
C ALA A 72 -9.65 -30.47 -17.01
N GLU A 73 -8.64 -30.06 -16.23
CA GLU A 73 -7.56 -30.96 -15.80
C GLU A 73 -7.99 -31.72 -14.53
N GLY A 74 -9.19 -31.45 -14.04
CA GLY A 74 -9.64 -32.12 -12.85
C GLY A 74 -9.06 -31.56 -11.55
N GLY A 75 -8.50 -30.35 -11.61
CA GLY A 75 -7.95 -29.74 -10.40
C GLY A 75 -8.91 -28.79 -9.68
N SER A 76 -8.39 -28.06 -8.68
CA SER A 76 -9.17 -27.10 -7.89
C SER A 76 -8.44 -25.76 -7.92
N VAL A 77 -9.19 -24.69 -7.73
CA VAL A 77 -8.60 -23.35 -7.69
C VAL A 77 -9.04 -22.66 -6.41
N LEU A 78 -8.10 -21.90 -5.85
CA LEU A 78 -8.36 -21.09 -4.67
C LEU A 78 -7.79 -19.70 -5.03
N LEU A 79 -8.59 -18.66 -4.90
CA LEU A 79 -8.13 -17.30 -5.23
C LEU A 79 -8.09 -16.49 -3.93
N LEU A 80 -6.90 -16.05 -3.54
CA LEU A 80 -6.75 -15.33 -2.29
C LEU A 80 -6.15 -13.96 -2.48
N SER A 81 -6.50 -13.07 -1.57
CA SER A 81 -5.99 -11.72 -1.59
C SER A 81 -5.18 -11.45 -0.30
N GLY A 82 -4.05 -10.77 -0.47
CA GLY A 82 -3.21 -10.37 0.65
C GLY A 82 -3.70 -9.06 1.26
N GLY A 83 -4.84 -8.52 0.82
CA GLY A 83 -5.39 -7.31 1.41
C GLY A 83 -4.96 -5.97 0.88
N ASP A 84 -5.40 -4.91 1.56
CA ASP A 84 -5.19 -3.50 1.13
C ASP A 84 -5.93 -3.24 -0.16
N ILE A 85 -7.23 -3.45 -0.09
CA ILE A 85 -8.12 -3.20 -1.23
C ILE A 85 -8.39 -1.70 -1.26
N ASN A 86 -8.49 -1.13 -0.05
CA ASN A 86 -8.73 0.31 0.11
C ASN A 86 -7.56 1.22 -0.18
N THR A 87 -7.96 2.41 -0.62
CA THR A 87 -7.12 3.56 -0.79
C THR A 87 -6.04 3.66 -1.84
N GLY A 88 -6.20 4.59 -2.75
CA GLY A 88 -5.18 4.77 -3.78
C GLY A 88 -5.69 5.29 -5.11
N VAL A 89 -6.99 5.31 -5.36
CA VAL A 89 -7.51 5.82 -6.65
C VAL A 89 -8.76 6.61 -6.30
N PRO A 90 -8.82 7.90 -6.69
CA PRO A 90 -9.98 8.72 -6.35
C PRO A 90 -11.37 8.08 -6.59
N GLU A 91 -11.59 7.47 -7.76
CA GLU A 91 -12.91 6.90 -8.04
C GLU A 91 -13.31 5.81 -7.07
N SER A 92 -12.31 5.10 -6.55
CA SER A 92 -12.53 4.05 -5.55
C SER A 92 -12.71 4.68 -4.16
N ASP A 93 -11.71 5.49 -3.76
CA ASP A 93 -11.70 6.15 -2.47
C ASP A 93 -13.00 6.87 -2.13
N LEU A 94 -13.49 7.63 -3.11
CA LEU A 94 -14.71 8.43 -2.94
C LEU A 94 -15.97 7.57 -2.71
N GLN A 95 -15.87 6.28 -3.02
CA GLN A 95 -17.00 5.38 -2.87
C GLN A 95 -16.64 4.26 -1.94
N ASP A 96 -15.68 4.53 -1.06
CA ASP A 96 -15.26 3.54 -0.08
C ASP A 96 -14.96 2.17 -0.66
N ALA A 97 -14.35 2.12 -1.83
CA ALA A 97 -13.95 0.88 -2.48
C ALA A 97 -15.08 -0.11 -2.79
N GLU A 98 -16.30 0.40 -2.88
CA GLU A 98 -17.42 -0.48 -3.19
C GLU A 98 -17.17 -1.15 -4.56
N PRO A 99 -16.80 -0.38 -5.59
CA PRO A 99 -16.56 -1.10 -6.86
C PRO A 99 -15.51 -2.18 -6.75
N ASP A 100 -14.47 -1.96 -5.95
CA ASP A 100 -13.41 -2.97 -5.80
C ASP A 100 -13.92 -4.27 -5.15
N PHE A 101 -14.67 -4.15 -4.05
CA PHE A 101 -15.21 -5.34 -3.42
C PHE A 101 -16.22 -6.05 -4.29
N ARG A 102 -17.11 -5.30 -4.95
CA ARG A 102 -18.08 -5.96 -5.83
C ARG A 102 -17.33 -6.61 -6.99
N GLY A 103 -16.31 -5.92 -7.52
CA GLY A 103 -15.54 -6.48 -8.61
C GLY A 103 -14.91 -7.77 -8.13
N MET A 104 -14.34 -7.77 -6.94
CA MET A 104 -13.72 -8.98 -6.39
C MET A 104 -14.73 -10.13 -6.28
N ASN A 105 -16.00 -9.80 -5.96
CA ASN A 105 -17.03 -10.83 -5.90
C ASN A 105 -17.17 -11.51 -7.28
N LEU A 106 -17.16 -10.71 -8.33
CA LEU A 106 -17.35 -11.25 -9.66
C LEU A 106 -16.12 -11.99 -10.15
N VAL A 107 -14.92 -11.54 -9.77
CA VAL A 107 -13.71 -12.27 -10.16
C VAL A 107 -13.77 -13.60 -9.39
N GLY A 108 -14.39 -13.57 -8.21
CA GLY A 108 -14.56 -14.77 -7.44
C GLY A 108 -13.50 -15.08 -6.39
N TYR A 109 -13.12 -14.05 -5.62
CA TYR A 109 -12.17 -14.30 -4.54
C TYR A 109 -12.72 -15.24 -3.48
N ASP A 110 -11.87 -16.12 -2.95
CA ASP A 110 -12.30 -17.05 -1.91
C ASP A 110 -12.09 -16.50 -0.51
N ALA A 111 -11.09 -15.64 -0.36
CA ALA A 111 -10.82 -15.02 0.95
C ALA A 111 -9.75 -13.95 0.80
N MET A 112 -9.67 -13.08 1.81
CA MET A 112 -8.72 -11.99 1.80
C MET A 112 -8.17 -11.77 3.20
N ALA A 113 -6.89 -11.43 3.30
CA ALA A 113 -6.33 -11.05 4.60
C ALA A 113 -6.67 -9.56 4.76
N ILE A 114 -7.02 -9.14 5.98
CA ILE A 114 -7.27 -7.71 6.21
C ILE A 114 -5.93 -6.96 6.21
N GLY A 115 -5.86 -5.88 5.43
CA GLY A 115 -4.64 -5.08 5.32
C GLY A 115 -4.66 -3.86 6.22
N ASN A 116 -3.53 -3.17 6.37
CA ASN A 116 -3.57 -2.01 7.23
C ASN A 116 -4.46 -0.90 6.67
N HIS A 117 -4.55 -0.78 5.34
CA HIS A 117 -5.39 0.28 4.77
C HIS A 117 -6.89 0.02 4.91
N GLU A 118 -7.26 -1.18 5.37
CA GLU A 118 -8.66 -1.48 5.62
C GLU A 118 -9.13 -0.67 6.85
N PHE A 119 -8.16 -0.05 7.54
CA PHE A 119 -8.49 0.78 8.69
C PHE A 119 -8.39 2.29 8.44
N ASP A 120 -8.23 2.66 7.17
CA ASP A 120 -8.17 4.08 6.80
C ASP A 120 -9.54 4.74 7.00
N ASN A 121 -10.59 3.93 6.92
CA ASN A 121 -11.98 4.38 7.09
C ASN A 121 -12.47 3.87 8.46
N PRO A 122 -13.56 4.47 8.98
CA PRO A 122 -14.14 4.08 10.27
C PRO A 122 -14.53 2.59 10.19
N LEU A 123 -14.61 1.96 11.36
CA LEU A 123 -14.99 0.57 11.39
C LEU A 123 -16.34 0.35 10.70
N THR A 124 -17.23 1.35 10.73
CA THR A 124 -18.54 1.22 10.08
C THR A 124 -18.35 0.88 8.59
N VAL A 125 -17.37 1.52 7.94
CA VAL A 125 -17.08 1.30 6.53
C VAL A 125 -16.49 -0.08 6.30
N LEU A 126 -15.57 -0.52 7.16
CA LEU A 126 -15.01 -1.85 7.02
C LEU A 126 -16.11 -2.94 7.20
N ARG A 127 -17.04 -2.71 8.13
CA ARG A 127 -18.12 -3.70 8.32
C ARG A 127 -19.04 -3.72 7.09
N GLN A 128 -19.20 -2.55 6.47
CA GLN A 128 -20.00 -2.39 5.24
C GLN A 128 -19.27 -3.15 4.10
N GLN A 129 -17.95 -3.07 4.06
CA GLN A 129 -17.19 -3.78 3.04
C GLN A 129 -17.32 -5.27 3.25
N GLU A 130 -17.38 -5.68 4.50
CA GLU A 130 -17.55 -7.06 4.82
C GLU A 130 -18.95 -7.53 4.34
N LYS A 131 -19.94 -6.65 4.43
CA LYS A 131 -21.28 -6.99 3.96
C LYS A 131 -21.23 -7.10 2.43
N TRP A 132 -20.53 -6.20 1.76
CA TRP A 132 -20.44 -6.29 0.30
C TRP A 132 -19.73 -7.55 -0.16
N ALA A 133 -18.58 -7.84 0.44
CA ALA A 133 -17.77 -8.98 0.05
C ALA A 133 -18.44 -10.32 0.31
N LYS A 134 -18.50 -11.17 -0.72
CA LYS A 134 -19.08 -12.50 -0.55
C LYS A 134 -18.03 -13.50 -0.06
N PHE A 135 -16.82 -13.03 0.13
CA PHE A 135 -15.72 -13.86 0.61
C PHE A 135 -15.28 -13.29 1.97
N PRO A 136 -14.80 -14.17 2.86
CA PRO A 136 -14.37 -13.63 4.15
C PRO A 136 -13.17 -12.73 4.18
N LEU A 137 -13.27 -11.72 5.03
CA LEU A 137 -12.15 -10.82 5.29
C LEU A 137 -11.60 -11.37 6.63
N LEU A 138 -10.40 -11.92 6.55
CA LEU A 138 -9.75 -12.61 7.64
C LEU A 138 -8.59 -11.96 8.35
N SER A 139 -8.55 -12.17 9.66
CA SER A 139 -7.40 -11.77 10.46
C SER A 139 -7.46 -12.41 11.82
N ALA A 140 -6.44 -13.20 12.16
CA ALA A 140 -6.41 -13.87 13.46
C ALA A 140 -5.85 -12.99 14.58
N ASN A 141 -5.08 -11.94 14.24
CA ASN A 141 -4.44 -11.16 15.30
C ASN A 141 -4.99 -9.79 15.70
N ILE A 142 -6.14 -9.42 15.15
CA ILE A 142 -6.74 -8.14 15.51
C ILE A 142 -7.77 -8.43 16.59
N TYR A 143 -7.54 -7.86 17.76
CA TYR A 143 -8.39 -8.08 18.92
C TYR A 143 -9.10 -6.86 19.45
N GLN A 144 -10.27 -7.11 20.01
CA GLN A 144 -11.01 -6.06 20.70
C GLN A 144 -10.30 -6.02 22.08
N LYS A 145 -9.78 -4.86 22.47
CA LYS A 145 -9.05 -4.73 23.74
C LYS A 145 -9.82 -5.11 25.02
N SER A 146 -11.03 -4.56 25.14
CA SER A 146 -11.83 -4.74 26.32
C SER A 146 -12.30 -6.15 26.62
N THR A 147 -12.44 -6.97 25.58
CA THR A 147 -12.92 -8.34 25.77
C THR A 147 -11.86 -9.42 25.46
N GLY A 148 -10.77 -9.04 24.79
CA GLY A 148 -9.77 -10.02 24.45
C GLY A 148 -10.23 -11.00 23.38
N GLU A 149 -11.25 -10.64 22.62
CA GLU A 149 -11.75 -11.51 21.57
C GLU A 149 -11.41 -10.99 20.19
N ARG A 150 -11.17 -11.88 19.23
CA ARG A 150 -10.83 -11.47 17.85
C ARG A 150 -11.97 -10.70 17.21
N LEU A 151 -11.65 -9.67 16.42
CA LEU A 151 -12.67 -8.89 15.74
C LEU A 151 -13.19 -9.54 14.49
N PHE A 152 -12.34 -10.31 13.86
CA PHE A 152 -12.69 -11.00 12.61
C PHE A 152 -12.41 -12.48 12.80
N LYS A 153 -12.73 -13.26 11.77
CA LYS A 153 -12.49 -14.69 11.82
C LYS A 153 -11.03 -14.94 11.59
N PRO A 154 -10.43 -15.86 12.34
CA PRO A 154 -9.01 -16.14 12.15
C PRO A 154 -8.71 -16.93 10.88
N TRP A 155 -9.70 -17.67 10.38
CA TRP A 155 -9.52 -18.49 9.18
C TRP A 155 -10.83 -18.82 8.49
N ALA A 156 -10.71 -19.38 7.29
CA ALA A 156 -11.86 -19.84 6.51
C ALA A 156 -11.48 -21.23 6.04
N LEU A 157 -12.45 -22.15 5.97
CA LEU A 157 -12.16 -23.50 5.52
C LEU A 157 -12.81 -23.68 4.17
N PHE A 158 -12.13 -24.37 3.26
CA PHE A 158 -12.67 -24.62 1.93
C PHE A 158 -12.60 -26.10 1.62
N LYS A 159 -13.66 -26.63 1.02
CA LYS A 159 -13.67 -28.03 0.61
C LYS A 159 -13.32 -28.02 -0.86
N ARG A 160 -12.32 -28.79 -1.25
CA ARG A 160 -11.94 -28.90 -2.66
C ARG A 160 -11.66 -30.38 -2.83
N GLN A 161 -12.54 -31.02 -3.61
CA GLN A 161 -12.50 -32.45 -3.81
C GLN A 161 -12.81 -32.90 -2.37
N ASP A 162 -12.06 -33.81 -1.78
CA ASP A 162 -12.43 -34.17 -0.41
C ASP A 162 -11.39 -33.67 0.57
N LEU A 163 -10.70 -32.61 0.14
CA LEU A 163 -9.67 -32.02 0.96
C LEU A 163 -10.28 -30.87 1.74
N LYS A 164 -9.72 -30.65 2.93
CA LYS A 164 -10.13 -29.55 3.81
C LYS A 164 -8.93 -28.58 3.77
N ILE A 165 -9.14 -27.40 3.20
CA ILE A 165 -8.06 -26.44 3.12
C ILE A 165 -8.37 -25.25 4.02
N ALA A 166 -7.46 -24.94 4.94
CA ALA A 166 -7.65 -23.82 5.84
C ALA A 166 -6.82 -22.62 5.37
N VAL A 167 -7.41 -21.43 5.36
CA VAL A 167 -6.67 -20.23 5.02
C VAL A 167 -6.75 -19.36 6.25
N ILE A 168 -5.61 -19.07 6.88
CA ILE A 168 -5.61 -18.18 8.04
C ILE A 168 -5.27 -16.77 7.51
N GLY A 169 -5.69 -15.75 8.26
CA GLY A 169 -5.39 -14.39 7.85
C GLY A 169 -4.56 -13.72 8.94
N LEU A 170 -3.63 -12.85 8.57
CA LEU A 170 -2.79 -12.14 9.54
C LEU A 170 -2.56 -10.72 9.04
N THR A 171 -2.53 -9.77 9.95
CA THR A 171 -2.38 -8.37 9.56
C THR A 171 -1.22 -7.76 10.30
N THR A 172 -0.38 -7.00 9.59
CA THR A 172 0.76 -6.35 10.27
C THR A 172 0.39 -5.59 11.57
N ASP A 173 1.19 -5.78 12.62
CA ASP A 173 0.96 -5.10 13.88
C ASP A 173 1.54 -3.67 13.92
N ASP A 174 2.01 -3.18 12.77
CA ASP A 174 2.41 -1.75 12.64
C ASP A 174 1.10 -0.97 12.29
N THR A 175 0.00 -1.65 11.95
CA THR A 175 -1.21 -0.94 11.45
C THR A 175 -1.63 0.30 12.23
N ALA A 176 -1.78 0.16 13.54
CA ALA A 176 -2.21 1.28 14.39
C ALA A 176 -1.07 2.18 14.83
N LYS A 177 0.17 1.78 14.55
CA LYS A 177 1.34 2.53 14.95
C LYS A 177 1.86 3.53 13.91
N ILE A 178 1.58 3.26 12.66
CA ILE A 178 2.04 4.06 11.56
C ILE A 178 1.35 5.41 11.39
N GLY A 179 2.13 6.40 11.00
CA GLY A 179 1.57 7.72 10.72
C GLY A 179 0.82 8.34 11.85
N ASN A 180 -0.34 8.86 11.52
CA ASN A 180 -1.20 9.51 12.48
C ASN A 180 -2.44 8.62 12.58
N PRO A 181 -2.45 7.67 13.52
CA PRO A 181 -3.63 6.80 13.65
C PRO A 181 -4.94 7.54 14.04
N GLU A 182 -6.08 7.13 13.47
CA GLU A 182 -7.37 7.76 13.80
C GLU A 182 -8.54 6.89 14.33
N TYR A 183 -8.62 5.62 13.91
CA TYR A 183 -9.74 4.74 14.27
C TYR A 183 -9.43 3.39 14.90
N PHE A 184 -8.73 3.35 16.00
CA PHE A 184 -8.48 2.03 16.55
C PHE A 184 -9.07 1.95 17.92
N THR A 185 -10.23 2.58 18.08
CA THR A 185 -10.93 2.56 19.36
C THR A 185 -11.21 1.12 19.76
N ASP A 186 -10.73 0.73 20.94
CA ASP A 186 -10.93 -0.61 21.51
C ASP A 186 -10.37 -1.73 20.64
N ILE A 187 -9.34 -1.42 19.87
CA ILE A 187 -8.74 -2.40 18.99
C ILE A 187 -7.23 -2.47 19.20
N GLU A 188 -6.68 -3.68 19.13
CA GLU A 188 -5.23 -3.82 19.18
C GLU A 188 -4.80 -4.91 18.17
N PHE A 189 -3.56 -4.77 17.70
CA PHE A 189 -2.96 -5.70 16.76
C PHE A 189 -1.86 -6.48 17.50
N ARG A 190 -2.10 -7.77 17.72
CA ARG A 190 -1.09 -8.58 18.40
C ARG A 190 -0.06 -9.10 17.40
N LYS A 191 1.09 -9.56 17.89
CA LYS A 191 2.13 -10.05 16.97
C LYS A 191 1.61 -11.21 16.08
N PRO A 192 1.67 -11.04 14.74
CA PRO A 192 1.24 -12.00 13.70
C PRO A 192 1.90 -13.39 13.81
N ALA A 193 3.23 -13.43 13.93
CA ALA A 193 3.95 -14.70 14.02
C ALA A 193 3.49 -15.47 15.25
N ASP A 194 3.38 -14.81 16.39
CA ASP A 194 2.95 -15.51 17.59
C ASP A 194 1.52 -16.03 17.41
N GLU A 195 0.65 -15.21 16.82
CA GLU A 195 -0.74 -15.63 16.60
C GLU A 195 -0.76 -16.81 15.59
N ALA A 196 0.11 -16.80 14.58
CA ALA A 196 0.09 -17.90 13.61
C ALA A 196 0.38 -19.23 14.37
N LYS A 197 1.35 -19.21 15.30
CA LYS A 197 1.63 -20.43 16.05
C LYS A 197 0.38 -20.95 16.77
N LEU A 198 -0.34 -20.05 17.45
CA LEU A 198 -1.57 -20.41 18.17
C LEU A 198 -2.65 -20.93 17.22
N VAL A 199 -2.85 -20.21 16.12
CA VAL A 199 -3.88 -20.56 15.15
C VAL A 199 -3.64 -21.91 14.48
N ILE A 200 -2.39 -22.16 14.06
CA ILE A 200 -2.07 -23.43 13.42
C ILE A 200 -2.38 -24.57 14.41
N GLN A 201 -1.99 -24.38 15.66
CA GLN A 201 -2.24 -25.39 16.68
C GLN A 201 -3.77 -25.54 16.91
N GLU A 202 -4.53 -24.43 17.01
CA GLU A 202 -6.00 -24.49 17.19
C GLU A 202 -6.61 -25.37 16.04
N LEU A 203 -6.23 -25.07 14.81
CA LEU A 203 -6.71 -25.82 13.64
C LEU A 203 -6.33 -27.30 13.67
N GLN A 204 -5.07 -27.59 13.94
CA GLN A 204 -4.69 -29.00 13.96
C GLN A 204 -5.47 -29.77 15.01
N GLN A 205 -5.72 -29.14 16.15
CA GLN A 205 -6.44 -29.82 17.22
C GLN A 205 -7.95 -29.83 17.12
N THR A 206 -8.50 -29.10 16.16
CA THR A 206 -9.94 -29.05 16.01
C THR A 206 -10.45 -29.40 14.61
N GLU A 207 -9.71 -29.02 13.58
CA GLU A 207 -10.18 -29.23 12.22
C GLU A 207 -9.31 -30.18 11.44
N LYS A 208 -8.05 -30.25 11.86
CA LYS A 208 -7.07 -31.09 11.20
C LYS A 208 -7.18 -30.85 9.69
N PRO A 209 -6.93 -29.62 9.25
CA PRO A 209 -7.02 -29.37 7.82
C PRO A 209 -5.89 -30.11 7.07
N ASP A 210 -6.15 -30.54 5.85
CA ASP A 210 -5.14 -31.23 5.05
C ASP A 210 -4.04 -30.29 4.60
N ILE A 211 -4.42 -29.03 4.37
CA ILE A 211 -3.51 -28.01 3.90
C ILE A 211 -3.82 -26.71 4.62
N ILE A 212 -2.79 -25.95 5.01
CA ILE A 212 -3.00 -24.65 5.65
C ILE A 212 -2.17 -23.65 4.86
N ILE A 213 -2.82 -22.56 4.46
CA ILE A 213 -2.19 -21.48 3.73
C ILE A 213 -2.48 -20.22 4.55
N ALA A 214 -1.50 -19.32 4.62
CA ALA A 214 -1.73 -18.10 5.36
C ALA A 214 -1.75 -16.95 4.36
N ALA A 215 -2.84 -16.15 4.41
CA ALA A 215 -2.96 -14.95 3.58
C ALA A 215 -2.52 -13.88 4.59
N THR A 216 -1.45 -13.16 4.29
CA THR A 216 -0.92 -12.20 5.23
C THR A 216 -0.69 -10.81 4.67
N HIS A 217 -0.70 -9.81 5.54
CA HIS A 217 -0.45 -8.45 5.08
C HIS A 217 0.66 -7.99 5.98
N MET A 218 1.84 -8.56 5.77
CA MET A 218 2.99 -8.32 6.65
C MET A 218 4.29 -7.84 6.02
N GLY A 219 4.48 -8.15 4.75
CA GLY A 219 5.66 -7.71 4.06
C GLY A 219 6.75 -8.74 3.92
N HIS A 220 7.36 -8.73 2.74
CA HIS A 220 8.48 -9.61 2.45
C HIS A 220 9.74 -8.78 2.46
N TYR A 221 10.67 -9.13 3.35
CA TYR A 221 11.94 -8.41 3.42
C TYR A 221 13.06 -9.40 3.16
N ASP A 222 13.99 -9.06 2.29
CA ASP A 222 15.11 -9.94 2.00
C ASP A 222 15.75 -10.45 3.29
N ASN A 223 15.85 -11.77 3.39
CA ASN A 223 16.49 -12.44 4.53
C ASN A 223 15.91 -12.03 5.89
N GLY A 224 14.65 -11.60 5.88
CA GLY A 224 14.00 -11.20 7.11
C GLY A 224 14.55 -9.89 7.66
N GLU A 225 15.17 -9.10 6.81
CA GLU A 225 15.72 -7.83 7.27
C GLU A 225 14.66 -6.73 7.26
N HIS A 226 13.72 -6.85 8.20
CA HIS A 226 12.59 -5.91 8.33
C HIS A 226 12.96 -4.55 8.92
N GLY A 227 14.16 -4.44 9.48
CA GLY A 227 14.59 -3.18 10.04
C GLY A 227 13.63 -2.66 11.07
N SER A 228 13.25 -1.40 10.92
CA SER A 228 12.33 -0.73 11.83
C SER A 228 10.88 -1.14 11.62
N ASN A 229 10.59 -1.86 10.54
CA ASN A 229 9.24 -2.29 10.28
C ASN A 229 8.95 -3.47 11.18
N ALA A 230 7.66 -3.76 11.39
CA ALA A 230 7.32 -4.93 12.18
C ALA A 230 7.79 -6.18 11.42
N PRO A 231 8.23 -7.25 12.15
CA PRO A 231 8.67 -8.51 11.51
C PRO A 231 7.59 -8.94 10.46
N GLY A 232 8.04 -9.44 9.31
CA GLY A 232 7.12 -9.85 8.26
C GLY A 232 7.11 -11.36 7.99
N ASP A 233 6.77 -11.71 6.76
CA ASP A 233 6.63 -13.10 6.33
C ASP A 233 7.83 -14.02 6.48
N VAL A 234 9.00 -13.53 6.10
CA VAL A 234 10.20 -14.36 6.20
C VAL A 234 10.53 -14.73 7.65
N GLU A 235 10.52 -13.73 8.55
CA GLU A 235 10.87 -14.02 9.94
C GLU A 235 9.80 -14.94 10.50
N MET A 236 8.52 -14.75 10.11
CA MET A 236 7.47 -15.64 10.60
C MET A 236 7.65 -17.08 10.13
N ALA A 237 7.94 -17.26 8.85
CA ALA A 237 8.15 -18.62 8.30
C ALA A 237 9.27 -19.32 9.09
N ARG A 238 10.35 -18.59 9.36
CA ARG A 238 11.47 -19.14 10.12
C ARG A 238 11.11 -19.50 11.55
N ALA A 239 10.15 -18.78 12.13
CA ALA A 239 9.68 -19.01 13.50
C ALA A 239 8.71 -20.17 13.67
N LEU A 240 8.01 -20.52 12.59
CA LEU A 240 7.03 -21.60 12.60
C LEU A 240 7.71 -22.95 12.36
N PRO A 241 7.00 -24.05 12.69
CA PRO A 241 7.54 -25.39 12.50
C PRO A 241 7.79 -25.54 10.99
N ALA A 242 8.92 -26.11 10.60
CA ALA A 242 9.24 -26.28 9.18
C ALA A 242 8.07 -26.86 8.40
N GLY A 243 7.73 -26.22 7.28
CA GLY A 243 6.64 -26.68 6.43
C GLY A 243 5.25 -26.71 7.05
N SER A 244 5.06 -26.04 8.18
CA SER A 244 3.74 -26.04 8.81
C SER A 244 2.67 -25.40 7.95
N LEU A 245 3.08 -24.53 7.02
CA LEU A 245 2.18 -23.86 6.06
C LEU A 245 2.63 -24.25 4.65
N ALA A 246 1.69 -24.47 3.75
CA ALA A 246 2.06 -24.82 2.37
C ALA A 246 2.70 -23.55 1.78
N MET A 247 2.07 -22.42 2.04
CA MET A 247 2.56 -21.15 1.53
C MET A 247 2.01 -19.93 2.28
N ILE A 248 2.72 -18.82 2.18
CA ILE A 248 2.28 -17.55 2.73
C ILE A 248 2.03 -16.68 1.49
N VAL A 249 0.77 -16.26 1.30
CA VAL A 249 0.32 -15.38 0.21
C VAL A 249 0.36 -14.02 0.85
N GLY A 250 1.38 -13.25 0.51
CA GLY A 250 1.59 -11.97 1.16
C GLY A 250 1.15 -10.66 0.55
N GLY A 251 1.60 -9.56 1.18
CA GLY A 251 1.26 -8.22 0.72
C GLY A 251 2.01 -7.19 1.51
N HIS A 252 1.49 -5.96 1.46
CA HIS A 252 1.97 -4.81 2.21
C HIS A 252 3.25 -4.15 1.70
N SER A 253 4.32 -4.90 1.62
CA SER A 253 5.58 -4.32 1.14
C SER A 253 5.48 -3.96 -0.34
N GLN A 254 4.48 -4.53 -1.03
CA GLN A 254 4.23 -4.28 -2.46
C GLN A 254 5.41 -4.60 -3.38
N ASP A 255 5.71 -5.90 -3.48
CA ASP A 255 6.82 -6.39 -4.31
C ASP A 255 6.39 -7.65 -5.01
N PRO A 256 6.94 -7.89 -6.20
CA PRO A 256 6.64 -9.15 -6.89
C PRO A 256 7.75 -10.00 -6.21
N VAL A 257 7.41 -11.01 -5.44
CA VAL A 257 8.46 -11.79 -4.77
C VAL A 257 8.99 -12.84 -5.75
N CYS A 258 10.08 -12.47 -6.43
CA CYS A 258 10.73 -13.32 -7.43
C CYS A 258 12.19 -13.21 -7.06
N MET A 259 12.79 -14.34 -6.68
CA MET A 259 14.17 -14.32 -6.19
C MET A 259 15.25 -14.36 -7.24
N ALA A 260 16.28 -13.54 -7.03
CA ALA A 260 17.46 -13.45 -7.91
C ALA A 260 18.53 -14.37 -7.35
N ALA A 261 18.64 -14.38 -6.03
CA ALA A 261 19.61 -15.18 -5.35
C ALA A 261 18.98 -15.57 -4.02
N GLU A 262 19.59 -16.49 -3.29
CA GLU A 262 19.01 -16.91 -2.03
C GLU A 262 18.85 -15.69 -1.13
N ASN A 263 17.65 -15.50 -0.59
CA ASN A 263 17.38 -14.39 0.29
C ASN A 263 17.54 -13.00 -0.35
N LYS A 264 17.42 -12.95 -1.67
CA LYS A 264 17.55 -11.68 -2.36
C LYS A 264 16.53 -11.56 -3.51
N LYS A 265 15.54 -10.70 -3.34
CA LYS A 265 14.54 -10.50 -4.40
C LYS A 265 15.17 -9.83 -5.59
N GLN A 266 14.63 -10.12 -6.77
CA GLN A 266 15.08 -9.44 -7.97
C GLN A 266 14.72 -7.97 -7.78
N VAL A 267 15.56 -7.11 -8.34
CA VAL A 267 15.28 -5.69 -8.36
C VAL A 267 14.83 -5.50 -9.81
N ASP A 268 13.84 -4.65 -10.03
CA ASP A 268 13.37 -4.44 -11.39
C ASP A 268 12.92 -5.72 -12.10
N TYR A 269 12.13 -6.53 -11.42
CA TYR A 269 11.61 -7.73 -12.03
C TYR A 269 10.84 -7.33 -13.29
N VAL A 270 11.03 -8.08 -14.37
CA VAL A 270 10.38 -7.80 -15.64
C VAL A 270 9.16 -8.70 -15.88
N PRO A 271 7.98 -8.08 -16.15
CA PRO A 271 6.74 -8.83 -16.41
C PRO A 271 6.96 -9.88 -17.51
N GLY A 272 6.39 -11.07 -17.33
CA GLY A 272 6.52 -12.10 -18.33
C GLY A 272 7.74 -13.01 -18.22
N THR A 273 8.66 -12.68 -17.30
CA THR A 273 9.86 -13.51 -17.12
C THR A 273 9.67 -14.48 -15.95
N PRO A 274 10.54 -15.49 -15.82
CA PRO A 274 10.39 -16.45 -14.73
C PRO A 274 10.37 -15.80 -13.35
N CYS A 275 9.62 -16.39 -12.43
CA CYS A 275 9.55 -15.83 -11.09
C CYS A 275 9.68 -16.96 -10.11
N LYS A 276 10.78 -16.98 -9.38
CA LYS A 276 11.00 -18.03 -8.40
C LYS A 276 10.55 -17.48 -7.04
N PRO A 277 9.46 -18.02 -6.45
CA PRO A 277 9.02 -17.51 -5.14
C PRO A 277 10.02 -17.82 -4.03
N ASP A 278 9.87 -17.17 -2.89
CA ASP A 278 10.84 -17.43 -1.85
C ASP A 278 10.39 -18.69 -1.12
N GLN A 279 11.36 -19.39 -0.53
CA GLN A 279 11.01 -20.56 0.26
C GLN A 279 11.88 -20.44 1.51
N GLN A 280 11.20 -20.36 2.65
CA GLN A 280 11.86 -20.19 3.92
C GLN A 280 11.36 -21.24 4.92
N ASN A 281 12.30 -22.01 5.48
CA ASN A 281 11.97 -23.06 6.46
C ASN A 281 10.86 -23.94 5.90
N GLY A 282 10.97 -24.28 4.62
CA GLY A 282 10.01 -25.13 3.96
C GLY A 282 8.65 -24.54 3.64
N ILE A 283 8.51 -23.23 3.79
CA ILE A 283 7.26 -22.53 3.52
C ILE A 283 7.43 -21.58 2.33
N TRP A 284 6.61 -21.73 1.30
CA TRP A 284 6.69 -20.83 0.16
C TRP A 284 6.09 -19.47 0.51
N ILE A 285 6.78 -18.41 0.09
CA ILE A 285 6.29 -17.06 0.34
C ILE A 285 6.19 -16.34 -1.02
N VAL A 286 5.00 -15.85 -1.31
CA VAL A 286 4.76 -15.21 -2.57
C VAL A 286 4.12 -13.84 -2.38
N GLN A 287 4.22 -13.01 -3.42
CA GLN A 287 3.56 -11.70 -3.41
C GLN A 287 3.47 -11.23 -4.87
N ALA A 288 2.34 -10.63 -5.24
CA ALA A 288 2.10 -10.22 -6.63
C ALA A 288 2.13 -8.73 -6.86
N HIS A 289 3.04 -8.08 -6.16
CA HIS A 289 3.26 -6.65 -6.27
C HIS A 289 2.12 -5.76 -5.77
N GLU A 290 1.29 -5.25 -6.69
CA GLU A 290 0.23 -4.31 -6.26
C GLU A 290 -0.68 -4.00 -7.46
N TRP A 291 -1.80 -3.32 -7.14
CA TRP A 291 -2.75 -2.79 -8.10
C TRP A 291 -3.33 -3.71 -9.15
N GLY A 292 -3.39 -5.02 -8.87
CA GLY A 292 -3.90 -5.91 -9.89
C GLY A 292 -2.95 -6.02 -11.10
N LYS A 293 -1.67 -5.68 -10.90
CA LYS A 293 -0.69 -5.79 -12.00
C LYS A 293 -0.46 -7.24 -12.40
N TYR A 294 -0.55 -8.15 -11.43
CA TYR A 294 -0.35 -9.58 -11.70
C TYR A 294 -1.32 -10.47 -10.95
N VAL A 295 -1.53 -11.67 -11.48
CA VAL A 295 -2.26 -12.68 -10.73
C VAL A 295 -1.17 -13.75 -10.57
N GLY A 296 -0.76 -14.00 -9.33
CA GLY A 296 0.23 -15.04 -9.09
C GLY A 296 -0.49 -16.38 -9.21
N ARG A 297 0.23 -17.38 -9.70
CA ARG A 297 -0.33 -18.71 -9.87
C ARG A 297 0.65 -19.75 -9.36
N ALA A 298 0.30 -20.39 -8.25
CA ALA A 298 1.12 -21.43 -7.62
C ALA A 298 0.37 -22.73 -7.85
N ASP A 299 0.99 -23.65 -8.61
CA ASP A 299 0.38 -24.94 -8.93
C ASP A 299 1.00 -25.98 -8.06
N PHE A 300 0.16 -26.59 -7.24
CA PHE A 300 0.53 -27.63 -6.27
C PHE A 300 -0.09 -29.01 -6.57
N GLU A 301 0.56 -30.02 -6.01
CA GLU A 301 0.06 -31.37 -6.05
C GLU A 301 0.11 -31.85 -4.59
N PHE A 302 -1.03 -32.31 -4.09
CA PHE A 302 -1.13 -32.85 -2.74
C PHE A 302 -1.40 -34.36 -2.82
N ARG A 303 -0.64 -35.14 -2.04
CA ARG A 303 -0.85 -36.59 -1.99
C ARG A 303 -0.40 -37.11 -0.63
N ASN A 304 -1.26 -37.87 0.04
CA ASN A 304 -0.96 -38.43 1.36
C ASN A 304 -0.28 -37.45 2.32
N GLY A 305 -0.81 -36.23 2.39
CA GLY A 305 -0.23 -35.24 3.30
C GLY A 305 0.91 -34.33 2.83
N GLU A 306 1.54 -34.64 1.70
CA GLU A 306 2.60 -33.73 1.25
C GLU A 306 2.10 -32.80 0.16
N MET A 307 2.44 -31.52 0.32
CA MET A 307 2.09 -30.43 -0.60
C MET A 307 3.33 -30.06 -1.37
N LYS A 308 3.31 -30.26 -2.68
CA LYS A 308 4.47 -29.97 -3.51
C LYS A 308 4.14 -28.89 -4.52
N MET A 309 4.94 -27.84 -4.55
CA MET A 309 4.68 -26.79 -5.53
C MET A 309 5.31 -27.30 -6.78
N VAL A 310 4.52 -27.41 -7.83
CA VAL A 310 4.99 -27.92 -9.11
C VAL A 310 5.33 -26.79 -10.06
N ASN A 311 4.65 -25.66 -9.94
CA ASN A 311 4.96 -24.55 -10.83
C ASN A 311 4.53 -23.24 -10.18
N TYR A 312 5.23 -22.17 -10.51
CA TYR A 312 4.88 -20.86 -10.02
C TYR A 312 5.18 -19.80 -11.07
N GLN A 313 4.28 -18.83 -11.20
CA GLN A 313 4.50 -17.74 -12.13
C GLN A 313 3.69 -16.51 -11.72
N LEU A 314 4.12 -15.34 -12.19
CA LEU A 314 3.31 -14.13 -12.01
C LEU A 314 2.75 -13.90 -13.40
N ILE A 315 1.43 -13.79 -13.53
CA ILE A 315 0.81 -13.57 -14.84
C ILE A 315 0.42 -12.09 -14.91
N PRO A 316 1.12 -11.31 -15.75
CA PRO A 316 0.81 -9.87 -15.88
C PRO A 316 -0.65 -9.68 -16.36
N VAL A 317 -1.28 -8.59 -15.92
CA VAL A 317 -2.62 -8.30 -16.40
C VAL A 317 -2.50 -7.07 -17.29
N ASN A 318 -2.20 -7.32 -18.56
CA ASN A 318 -2.05 -6.25 -19.55
C ASN A 318 -1.00 -5.20 -19.24
N LEU A 319 0.09 -5.63 -18.61
CA LEU A 319 1.15 -4.72 -18.30
C LEU A 319 1.86 -4.31 -19.61
N LYS A 320 2.31 -3.06 -19.65
CA LYS A 320 2.98 -2.54 -20.84
C LYS A 320 4.28 -1.80 -20.51
N LYS A 321 5.26 -1.90 -21.41
CA LYS A 321 6.50 -1.14 -21.18
C LYS A 321 6.56 0.11 -22.06
N ARG A 332 3.50 2.34 -25.64
CA ARG A 332 3.38 1.26 -24.61
C ARG A 332 3.10 -0.06 -25.31
N VAL A 333 3.90 -1.09 -25.08
CA VAL A 333 3.62 -2.39 -25.70
C VAL A 333 3.49 -3.47 -24.65
N LEU A 334 2.57 -4.39 -24.89
CA LEU A 334 2.32 -5.49 -23.95
C LEU A 334 3.54 -6.38 -23.78
N TYR A 335 3.69 -6.95 -22.60
CA TYR A 335 4.77 -7.89 -22.34
C TYR A 335 4.29 -9.28 -22.74
N THR A 336 3.01 -9.56 -22.48
CA THR A 336 2.38 -10.86 -22.70
C THR A 336 1.10 -10.69 -23.51
N PRO A 337 0.41 -11.80 -23.85
CA PRO A 337 -0.82 -11.69 -24.65
C PRO A 337 -1.89 -10.77 -24.02
N GLU A 338 -2.52 -9.94 -24.85
CA GLU A 338 -3.55 -9.06 -24.32
C GLU A 338 -4.68 -9.87 -23.80
N ILE A 339 -5.22 -9.43 -22.66
CA ILE A 339 -6.33 -10.09 -22.02
C ILE A 339 -7.57 -9.19 -22.18
N ALA A 340 -8.59 -9.66 -22.88
CA ALA A 340 -9.79 -8.84 -23.07
C ALA A 340 -10.48 -8.57 -21.74
N GLU A 341 -11.12 -7.42 -21.66
CA GLU A 341 -11.86 -7.06 -20.46
C GLU A 341 -13.23 -7.71 -20.52
N ASN A 342 -13.55 -8.45 -19.47
CA ASN A 342 -14.82 -9.17 -19.35
C ASN A 342 -15.96 -8.13 -19.37
N GLN A 343 -16.95 -8.34 -20.24
CA GLN A 343 -18.03 -7.39 -20.37
C GLN A 343 -18.87 -7.28 -19.10
N GLN A 344 -19.11 -8.41 -18.44
CA GLN A 344 -19.93 -8.36 -17.27
C GLN A 344 -19.26 -7.45 -16.24
N MET A 345 -17.93 -7.53 -16.12
CA MET A 345 -17.23 -6.67 -15.15
C MET A 345 -17.33 -5.17 -15.56
N ILE A 346 -17.15 -4.88 -16.84
CA ILE A 346 -17.27 -3.50 -17.32
C ILE A 346 -18.65 -2.92 -17.01
N SER A 347 -19.71 -3.70 -17.19
CA SER A 347 -21.06 -3.20 -16.90
C SER A 347 -21.26 -3.00 -15.41
N LEU A 348 -20.64 -3.86 -14.60
CA LEU A 348 -20.73 -3.75 -13.13
C LEU A 348 -19.96 -2.55 -12.62
N LEU A 349 -18.75 -2.36 -13.16
CA LEU A 349 -17.89 -1.30 -12.69
C LEU A 349 -18.09 0.08 -13.32
N SER A 350 -18.56 0.14 -14.56
CA SER A 350 -18.75 1.44 -15.21
C SER A 350 -19.49 2.52 -14.44
N PRO A 351 -20.61 2.19 -13.81
CA PRO A 351 -21.35 3.21 -13.05
C PRO A 351 -20.50 3.83 -11.92
N PHE A 352 -19.70 3.00 -11.27
CA PHE A 352 -18.82 3.49 -10.18
C PHE A 352 -17.72 4.38 -10.75
N GLN A 353 -17.15 3.96 -11.87
CA GLN A 353 -16.12 4.73 -12.55
C GLN A 353 -16.71 6.08 -12.94
N ASN A 354 -17.88 6.05 -13.60
CA ASN A 354 -18.53 7.29 -14.04
C ASN A 354 -18.93 8.20 -12.90
N LYS A 355 -19.49 7.62 -11.84
CA LYS A 355 -19.89 8.41 -10.71
C LYS A 355 -18.65 9.01 -10.01
N GLY A 356 -17.59 8.22 -9.89
CA GLY A 356 -16.39 8.73 -9.25
C GLY A 356 -15.79 9.89 -10.05
N LYS A 357 -15.76 9.75 -11.37
CA LYS A 357 -15.23 10.82 -12.23
C LYS A 357 -16.03 12.10 -12.09
N ALA A 358 -17.36 11.97 -12.07
CA ALA A 358 -18.22 13.15 -11.96
C ALA A 358 -18.04 13.80 -10.57
N GLN A 359 -17.77 12.97 -9.55
CA GLN A 359 -17.59 13.53 -8.24
C GLN A 359 -16.33 14.41 -8.17
N LEU A 360 -15.41 14.24 -9.11
CA LEU A 360 -14.18 15.04 -9.14
C LEU A 360 -14.46 16.55 -9.32
N GLU A 361 -15.59 16.87 -9.95
CA GLU A 361 -16.02 18.25 -10.17
C GLU A 361 -16.56 18.96 -8.92
N VAL A 362 -17.10 18.18 -7.99
CA VAL A 362 -17.72 18.68 -6.78
C VAL A 362 -16.84 19.48 -5.81
N LYS A 363 -17.37 20.59 -5.30
CA LYS A 363 -16.64 21.41 -4.34
C LYS A 363 -16.31 20.63 -3.08
N ILE A 364 -15.05 20.65 -2.67
CA ILE A 364 -14.59 19.95 -1.47
C ILE A 364 -14.15 20.98 -0.42
N GLY A 365 -14.00 22.22 -0.87
CA GLY A 365 -13.60 23.27 0.04
C GLY A 365 -13.56 24.62 -0.65
N GLU A 366 -12.98 25.60 0.03
CA GLU A 366 -12.84 26.93 -0.53
C GLU A 366 -11.71 27.65 0.19
N THR A 367 -11.15 28.63 -0.52
CA THR A 367 -10.04 29.41 -0.02
C THR A 367 -10.32 30.89 -0.23
N ASN A 368 -9.87 31.70 0.72
CA ASN A 368 -10.09 33.15 0.64
C ASN A 368 -8.97 33.87 -0.09
N GLY A 369 -8.09 33.11 -0.70
CA GLY A 369 -6.98 33.72 -1.43
C GLY A 369 -6.33 32.74 -2.37
N ARG A 370 -5.72 33.26 -3.42
CA ARG A 370 -5.05 32.39 -4.37
C ARG A 370 -3.87 31.59 -3.73
N LEU A 371 -3.83 30.30 -4.00
CA LEU A 371 -2.75 29.42 -3.51
C LEU A 371 -1.76 29.36 -4.68
N GLU A 372 -0.61 29.97 -4.45
CA GLU A 372 0.46 30.09 -5.44
C GLU A 372 1.24 28.80 -5.69
N GLY A 373 1.04 28.25 -6.88
CA GLY A 373 1.69 27.03 -7.30
C GLY A 373 2.38 27.24 -8.63
N ASP A 374 2.48 28.48 -9.08
CA ASP A 374 3.11 28.73 -10.37
C ASP A 374 4.59 28.44 -10.36
N ARG A 375 5.06 27.82 -11.44
CA ARG A 375 6.45 27.44 -11.58
C ARG A 375 7.50 28.51 -11.21
N ASP A 376 7.35 29.72 -11.73
CA ASP A 376 8.34 30.76 -11.43
C ASP A 376 8.24 31.38 -10.01
N LYS A 377 7.37 30.82 -9.19
CA LYS A 377 7.29 31.22 -7.79
C LYS A 377 7.79 30.03 -6.93
N VAL A 378 7.20 28.85 -7.10
CA VAL A 378 7.58 27.68 -6.28
C VAL A 378 9.01 27.19 -6.52
N ARG A 379 9.63 27.59 -7.64
CA ARG A 379 11.02 27.21 -7.90
C ARG A 379 12.03 28.29 -7.46
N PHE A 380 11.51 29.37 -6.88
CA PHE A 380 12.32 30.49 -6.38
C PHE A 380 12.13 30.83 -4.91
N VAL A 381 10.90 30.71 -4.41
CA VAL A 381 10.62 31.03 -3.01
C VAL A 381 9.59 30.09 -2.38
N GLN A 382 9.47 30.15 -1.05
CA GLN A 382 8.51 29.35 -0.29
C GLN A 382 7.15 29.97 -0.62
N THR A 383 6.12 29.15 -0.88
CA THR A 383 4.80 29.72 -1.19
C THR A 383 3.74 29.09 -0.29
N ASN A 384 2.57 29.72 -0.25
CA ASN A 384 1.46 29.21 0.56
C ASN A 384 0.97 27.84 0.09
N MET A 385 1.06 27.57 -1.22
CA MET A 385 0.65 26.28 -1.73
C MET A 385 1.62 25.23 -1.18
N GLY A 386 2.91 25.58 -1.14
CA GLY A 386 3.89 24.66 -0.61
C GLY A 386 3.57 24.37 0.86
N ARG A 387 3.20 25.43 1.60
CA ARG A 387 2.91 25.28 3.01
C ARG A 387 1.64 24.48 3.24
N LEU A 388 0.64 24.69 2.38
CA LEU A 388 -0.61 23.94 2.49
C LEU A 388 -0.36 22.44 2.21
N ILE A 389 0.30 22.13 1.10
CA ILE A 389 0.58 20.73 0.77
C ILE A 389 1.36 20.07 1.91
N LEU A 390 2.42 20.73 2.39
CA LEU A 390 3.23 20.12 3.44
C LEU A 390 2.48 20.03 4.74
N ALA A 391 1.58 20.99 5.01
CA ALA A 391 0.75 20.90 6.21
C ALA A 391 -0.14 19.63 6.11
N ALA A 392 -0.69 19.36 4.91
CA ALA A 392 -1.53 18.19 4.71
C ALA A 392 -0.70 16.90 4.91
N GLN A 393 0.53 16.89 4.39
CA GLN A 393 1.38 15.71 4.56
C GLN A 393 1.80 15.46 6.02
N MET A 394 2.12 16.53 6.74
CA MET A 394 2.52 16.38 8.15
C MET A 394 1.33 15.88 8.97
N ASP A 395 0.14 16.40 8.66
CA ASP A 395 -1.05 16.00 9.38
C ASP A 395 -1.33 14.49 9.15
N ARG A 396 -1.18 14.01 7.93
CA ARG A 396 -1.46 12.61 7.63
C ARG A 396 -0.48 11.65 8.26
N THR A 397 0.78 12.09 8.36
CA THR A 397 1.87 11.27 8.88
C THR A 397 2.31 11.47 10.35
N GLY A 398 1.83 12.55 10.99
CA GLY A 398 2.21 12.87 12.36
C GLY A 398 3.63 13.47 12.35
N ALA A 399 4.06 13.99 11.22
CA ALA A 399 5.40 14.56 11.06
C ALA A 399 5.61 15.92 11.75
N ASP A 400 6.86 16.17 12.11
CA ASP A 400 7.28 17.43 12.74
C ASP A 400 7.65 18.53 11.73
N PHE A 401 8.19 18.14 10.58
CA PHE A 401 8.53 19.08 9.52
C PHE A 401 8.40 18.32 8.20
N ALA A 402 8.55 19.01 7.09
CA ALA A 402 8.39 18.33 5.81
C ALA A 402 9.08 19.09 4.72
N VAL A 403 9.29 18.44 3.58
CA VAL A 403 9.91 19.12 2.47
C VAL A 403 9.46 18.44 1.19
N MET A 404 9.49 19.17 0.09
CA MET A 404 9.18 18.60 -1.23
C MET A 404 9.88 19.55 -2.21
N SER A 405 9.96 19.12 -3.46
CA SER A 405 10.56 19.91 -4.53
C SER A 405 9.51 20.87 -5.03
N GLY A 406 9.95 22.11 -5.32
CA GLY A 406 9.03 23.10 -5.88
C GLY A 406 8.57 22.54 -7.22
N GLY A 407 9.42 21.76 -7.87
CA GLY A 407 9.03 21.18 -9.14
C GLY A 407 7.89 20.20 -9.05
N GLY A 408 7.52 19.80 -7.84
CA GLY A 408 6.43 18.85 -7.61
C GLY A 408 5.08 19.53 -7.50
N ILE A 409 5.07 20.86 -7.43
CA ILE A 409 3.81 21.64 -7.36
C ILE A 409 3.56 22.04 -8.81
N ARG A 410 2.44 21.60 -9.37
CA ARG A 410 2.17 21.78 -10.79
C ARG A 410 1.11 22.77 -11.19
N ASP A 411 0.48 23.43 -10.21
CA ASP A 411 -0.52 24.44 -10.56
C ASP A 411 -0.91 25.23 -9.34
N SER A 412 -1.55 26.37 -9.57
CA SER A 412 -2.10 27.18 -8.47
C SER A 412 -3.57 26.84 -8.33
N ILE A 413 -4.22 27.41 -7.32
CA ILE A 413 -5.68 27.27 -7.18
C ILE A 413 -6.15 28.72 -6.89
N GLU A 414 -7.09 29.22 -7.71
CA GLU A 414 -7.60 30.57 -7.55
C GLU A 414 -8.46 30.69 -6.29
N ALA A 415 -8.63 31.93 -5.79
CA ALA A 415 -9.47 32.16 -4.62
C ALA A 415 -10.86 31.68 -4.97
N GLY A 416 -11.52 30.99 -4.05
CA GLY A 416 -12.85 30.49 -4.37
C GLY A 416 -13.03 29.03 -4.07
N ASP A 417 -13.96 28.38 -4.77
CA ASP A 417 -14.24 26.97 -4.53
C ASP A 417 -13.16 26.11 -5.08
N ILE A 418 -12.94 25.01 -4.38
CA ILE A 418 -11.91 24.02 -4.77
C ILE A 418 -12.56 22.65 -4.96
N SER A 419 -12.23 21.99 -6.06
CA SER A 419 -12.75 20.65 -6.34
C SER A 419 -11.54 19.68 -6.33
N TYR A 420 -11.81 18.37 -6.33
CA TYR A 420 -10.74 17.36 -6.36
C TYR A 420 -9.99 17.55 -7.70
N LYS A 421 -10.74 17.86 -8.75
CA LYS A 421 -10.16 18.09 -10.05
C LYS A 421 -9.08 19.20 -9.93
N ASN A 422 -9.39 20.26 -9.17
CA ASN A 422 -8.41 21.34 -8.99
C ASN A 422 -7.19 20.78 -8.29
N VAL A 423 -7.42 19.96 -7.26
CA VAL A 423 -6.33 19.36 -6.51
C VAL A 423 -5.45 18.47 -7.37
N LEU A 424 -6.05 17.62 -8.19
CA LEU A 424 -5.28 16.75 -9.10
C LEU A 424 -4.40 17.50 -10.13
N LYS A 425 -4.75 18.74 -10.50
CA LYS A 425 -3.93 19.48 -11.44
C LYS A 425 -2.69 20.01 -10.70
N VAL A 426 -2.85 20.28 -9.40
CA VAL A 426 -1.73 20.73 -8.56
C VAL A 426 -0.81 19.55 -8.28
N GLN A 427 -1.42 18.36 -8.07
CA GLN A 427 -0.71 17.10 -7.75
C GLN A 427 -1.19 16.04 -8.75
N PRO A 428 -0.66 16.07 -9.98
CA PRO A 428 -1.06 15.13 -11.02
C PRO A 428 -0.29 13.84 -11.19
N PHE A 429 0.85 13.70 -10.53
CA PHE A 429 1.73 12.57 -10.75
C PHE A 429 1.65 11.35 -9.86
N GLY A 430 0.72 11.35 -8.90
CA GLY A 430 0.57 10.19 -8.02
C GLY A 430 1.76 9.85 -7.14
N ASN A 431 2.54 10.84 -6.70
CA ASN A 431 3.64 10.55 -5.79
C ASN A 431 2.98 10.12 -4.49
N VAL A 432 3.71 9.32 -3.74
CA VAL A 432 3.20 8.79 -2.47
C VAL A 432 3.80 9.49 -1.29
N VAL A 433 2.98 9.79 -0.28
CA VAL A 433 3.46 10.46 0.91
C VAL A 433 4.19 9.44 1.77
N VAL A 434 5.37 9.81 2.25
CA VAL A 434 6.19 8.92 3.07
C VAL A 434 6.76 9.75 4.22
N TYR A 435 7.35 9.10 5.22
CA TYR A 435 7.99 9.85 6.31
C TYR A 435 9.19 9.10 6.82
N ALA A 436 10.05 9.80 7.52
CA ALA A 436 11.21 9.16 8.10
C ALA A 436 11.42 9.72 9.49
N ASP A 437 11.70 8.86 10.46
CA ASP A 437 12.01 9.31 11.83
C ASP A 437 13.53 9.38 11.82
N MET A 438 14.07 10.52 12.24
CA MET A 438 15.51 10.67 12.22
C MET A 438 16.06 11.40 13.45
N THR A 439 17.35 11.24 13.70
CA THR A 439 17.97 11.89 14.84
C THR A 439 18.18 13.36 14.48
N GLY A 440 18.30 14.21 15.51
CA GLY A 440 18.53 15.63 15.28
C GLY A 440 19.75 15.79 14.39
N LYS A 441 20.81 15.01 14.60
CA LYS A 441 22.01 15.12 13.75
C LYS A 441 21.66 14.84 12.28
N GLU A 442 20.86 13.81 12.04
CA GLU A 442 20.46 13.46 10.67
C GLU A 442 19.63 14.58 10.03
N VAL A 443 18.80 15.25 10.84
CA VAL A 443 17.97 16.34 10.35
C VAL A 443 18.88 17.45 9.85
N ILE A 444 19.91 17.78 10.64
CA ILE A 444 20.85 18.81 10.29
C ILE A 444 21.50 18.49 8.97
N ASP A 445 22.04 17.28 8.85
CA ASP A 445 22.72 16.87 7.65
C ASP A 445 21.82 16.87 6.46
N TYR A 446 20.59 16.38 6.68
CA TYR A 446 19.58 16.28 5.64
C TYR A 446 19.17 17.67 5.12
N LEU A 447 18.77 18.55 6.02
CA LEU A 447 18.36 19.91 5.63
C LEU A 447 19.52 20.71 5.02
N THR A 448 20.73 20.53 5.54
CA THR A 448 21.87 21.26 4.98
C THR A 448 22.07 20.84 3.53
N ALA A 449 21.95 19.54 3.24
CA ALA A 449 22.09 19.08 1.88
C ALA A 449 20.99 19.63 0.96
N VAL A 450 19.74 19.54 1.40
CA VAL A 450 18.60 20.01 0.61
C VAL A 450 18.65 21.52 0.36
N ALA A 451 19.10 22.28 1.35
CA ALA A 451 19.22 23.74 1.23
C ALA A 451 20.19 24.16 0.14
N GLN A 452 21.00 23.21 -0.33
CA GLN A 452 21.98 23.50 -1.37
C GLN A 452 21.31 23.52 -2.75
N MET A 453 20.05 23.10 -2.82
CA MET A 453 19.36 23.11 -4.09
C MET A 453 18.98 24.57 -4.39
N LYS A 454 19.47 25.05 -5.52
CA LYS A 454 19.30 26.42 -5.95
C LYS A 454 17.96 26.81 -6.52
N PRO A 455 17.58 28.08 -6.34
CA PRO A 455 16.32 28.60 -6.84
C PRO A 455 16.45 28.49 -8.37
N ASP A 456 15.33 28.59 -9.04
CA ASP A 456 15.27 28.52 -10.48
C ASP A 456 15.55 27.09 -10.95
N SER A 457 15.15 26.08 -10.17
CA SER A 457 15.30 24.68 -10.57
C SER A 457 14.12 23.97 -9.94
N GLY A 458 13.74 22.83 -10.49
CA GLY A 458 12.62 22.09 -9.93
C GLY A 458 13.02 21.52 -8.58
N ALA A 459 14.32 21.38 -8.35
CA ALA A 459 14.80 20.81 -7.10
C ALA A 459 14.76 21.80 -5.92
N TYR A 460 14.52 23.10 -6.19
CA TYR A 460 14.44 24.10 -5.14
C TYR A 460 13.41 23.58 -4.13
N PRO A 461 13.78 23.50 -2.84
CA PRO A 461 12.89 22.99 -1.79
C PRO A 461 11.83 23.87 -1.16
N GLN A 462 10.65 23.29 -0.97
CA GLN A 462 9.57 23.93 -0.24
C GLN A 462 9.66 23.24 1.11
N PHE A 463 9.77 24.01 2.18
CA PHE A 463 9.82 23.45 3.53
C PHE A 463 8.60 23.88 4.33
N ALA A 464 8.37 23.17 5.44
CA ALA A 464 7.32 23.51 6.40
C ALA A 464 7.90 23.22 7.80
N ASN A 465 7.68 24.13 8.74
CA ASN A 465 8.16 24.05 10.13
C ASN A 465 9.67 24.07 10.31
N VAL A 466 10.36 24.58 9.29
CA VAL A 466 11.81 24.70 9.27
C VAL A 466 12.20 26.19 9.17
N SER A 467 13.14 26.63 9.97
CA SER A 467 13.60 28.02 9.83
C SER A 467 15.13 28.04 9.95
N PHE A 468 15.76 28.92 9.18
CA PHE A 468 17.22 29.07 9.18
C PHE A 468 17.65 30.18 8.27
N VAL A 469 18.94 30.52 8.36
CA VAL A 469 19.54 31.48 7.44
C VAL A 469 20.72 30.66 6.95
N ALA A 470 20.80 30.45 5.65
CA ALA A 470 21.87 29.66 5.05
C ALA A 470 22.98 30.61 4.63
N LYS A 471 24.21 30.30 5.05
CA LYS A 471 25.35 31.13 4.74
C LYS A 471 26.55 30.20 4.45
N ASP A 472 27.13 30.37 3.27
CA ASP A 472 28.29 29.58 2.88
C ASP A 472 28.11 28.08 3.11
N GLY A 473 27.09 27.50 2.50
CA GLY A 473 26.82 26.09 2.63
C GLY A 473 26.37 25.63 4.01
N LYS A 474 26.36 26.56 4.97
CA LYS A 474 25.97 26.23 6.32
C LYS A 474 24.56 26.75 6.71
N LEU A 475 23.88 26.05 7.62
CA LEU A 475 22.57 26.49 8.05
C LEU A 475 22.69 27.08 9.43
N ASN A 476 22.42 28.38 9.54
CA ASN A 476 22.54 29.02 10.83
C ASN A 476 21.19 29.14 11.50
N ASP A 477 21.24 29.09 12.82
CA ASP A 477 20.10 29.22 13.68
C ASP A 477 18.98 28.27 13.26
N LEU A 478 19.36 27.03 12.91
CA LEU A 478 18.40 26.00 12.49
C LEU A 478 17.36 25.61 13.55
N LYS A 479 16.09 25.70 13.14
CA LYS A 479 15.00 25.37 14.04
C LYS A 479 13.90 24.54 13.37
N ILE A 480 13.29 23.67 14.17
CA ILE A 480 12.16 22.82 13.79
C ILE A 480 11.03 23.26 14.74
N LYS A 481 9.93 23.75 14.18
CA LYS A 481 8.83 24.23 15.00
C LYS A 481 9.26 25.28 16.02
N GLY A 482 10.14 26.18 15.61
CA GLY A 482 10.56 27.26 16.50
C GLY A 482 11.58 26.92 17.54
N GLU A 483 12.06 25.67 17.54
CA GLU A 483 13.04 25.24 18.53
C GLU A 483 14.32 24.78 17.89
N PRO A 484 15.47 25.17 18.45
CA PRO A 484 16.67 24.68 17.79
C PRO A 484 16.70 23.16 17.77
N VAL A 485 17.32 22.62 16.75
CA VAL A 485 17.40 21.20 16.61
C VAL A 485 18.29 20.64 17.69
N ASP A 486 17.84 19.54 18.30
CA ASP A 486 18.61 18.86 19.34
C ASP A 486 19.11 17.55 18.72
N PRO A 487 20.44 17.40 18.55
CA PRO A 487 21.00 16.17 17.96
C PRO A 487 20.53 14.88 18.65
N ALA A 488 20.19 14.97 19.94
CA ALA A 488 19.74 13.80 20.71
C ALA A 488 18.23 13.50 20.61
N LYS A 489 17.48 14.33 19.89
CA LYS A 489 16.04 14.10 19.76
C LYS A 489 15.74 13.43 18.42
N THR A 490 14.53 12.87 18.34
CA THR A 490 14.04 12.20 17.13
C THR A 490 12.97 13.10 16.53
N TYR A 491 13.05 13.28 15.22
CA TYR A 491 12.08 14.10 14.49
C TYR A 491 11.52 13.30 13.36
N ARG A 492 10.26 13.55 13.06
CA ARG A 492 9.63 12.87 11.95
C ARG A 492 9.49 13.84 10.77
N MET A 493 9.96 13.45 9.60
CA MET A 493 9.85 14.32 8.45
C MET A 493 8.98 13.67 7.38
N ALA A 494 8.12 14.47 6.77
CA ALA A 494 7.26 13.99 5.68
C ALA A 494 7.79 14.50 4.37
N THR A 495 7.62 13.72 3.31
CA THR A 495 8.00 14.12 1.96
C THR A 495 7.35 13.13 1.00
N LEU A 496 7.76 13.13 -0.27
CA LEU A 496 7.20 12.21 -1.22
C LEU A 496 8.21 11.12 -1.49
N ASN A 497 7.72 9.97 -1.98
CA ASN A 497 8.60 8.87 -2.34
C ASN A 497 9.65 9.34 -3.38
N PHE A 498 9.20 10.17 -4.32
CA PHE A 498 10.08 10.72 -5.36
C PHE A 498 11.36 11.28 -4.73
N ASN A 499 11.21 12.16 -3.75
CA ASN A 499 12.34 12.79 -3.04
C ASN A 499 13.10 11.81 -2.13
N ALA A 500 12.35 11.03 -1.36
CA ALA A 500 12.96 10.06 -0.44
C ALA A 500 13.88 9.03 -1.14
N THR A 501 13.52 8.62 -2.36
CA THR A 501 14.36 7.68 -3.07
C THR A 501 15.46 8.37 -3.89
N GLY A 502 15.72 9.66 -3.63
CA GLY A 502 16.78 10.34 -4.36
C GLY A 502 16.40 11.27 -5.50
N GLY A 503 15.09 11.43 -5.73
CA GLY A 503 14.63 12.31 -6.80
C GLY A 503 15.23 13.69 -6.56
N ASP A 504 15.58 14.38 -7.66
CA ASP A 504 16.16 15.72 -7.60
C ASP A 504 17.47 15.82 -6.80
N GLY A 505 18.21 14.71 -6.70
CA GLY A 505 19.45 14.78 -5.96
C GLY A 505 19.28 14.86 -4.45
N TYR A 506 18.06 14.72 -3.93
CA TYR A 506 17.84 14.76 -2.47
C TYR A 506 18.50 13.51 -1.80
N PRO A 507 18.92 13.63 -0.54
CA PRO A 507 19.55 12.49 0.16
C PRO A 507 18.59 11.29 0.28
N ARG A 508 19.04 10.10 -0.05
CA ARG A 508 18.12 8.99 0.10
C ARG A 508 17.72 8.68 1.52
N LEU A 509 16.41 8.46 1.68
CA LEU A 509 15.86 8.11 2.99
C LEU A 509 15.25 6.70 2.95
N ASP A 510 14.89 6.24 1.76
CA ASP A 510 14.21 4.96 1.63
C ASP A 510 14.98 3.74 2.11
N ASN A 511 16.29 3.82 2.08
CA ASN A 511 17.13 2.72 2.48
C ASN A 511 17.66 2.91 3.89
N LYS A 512 17.06 3.80 4.68
CA LYS A 512 17.53 3.99 6.06
C LYS A 512 16.45 3.55 7.08
N PRO A 513 16.87 3.08 8.29
CA PRO A 513 15.82 2.67 9.24
C PRO A 513 14.94 3.83 9.63
N GLY A 514 13.67 3.53 9.89
CA GLY A 514 12.76 4.61 10.29
C GLY A 514 11.93 5.15 9.16
N TYR A 515 12.19 4.64 7.97
CA TYR A 515 11.50 5.04 6.78
C TYR A 515 10.15 4.32 6.64
N VAL A 516 9.11 5.05 6.27
CA VAL A 516 7.80 4.42 6.05
C VAL A 516 7.11 5.01 4.82
N ASN A 517 6.80 4.14 3.85
CA ASN A 517 6.05 4.58 2.68
C ASN A 517 4.59 4.32 3.12
N THR A 518 3.78 5.37 3.21
CA THR A 518 2.42 5.21 3.71
C THR A 518 1.38 4.68 2.71
N GLY A 519 1.69 4.75 1.43
CA GLY A 519 0.75 4.30 0.44
C GLY A 519 -0.29 5.36 0.14
N PHE A 520 -0.25 6.50 0.85
CA PHE A 520 -1.22 7.57 0.59
C PHE A 520 -0.74 8.44 -0.55
N ILE A 521 -1.62 8.67 -1.51
CA ILE A 521 -1.33 9.47 -2.69
C ILE A 521 -1.38 10.95 -2.39
N ASP A 522 -0.36 11.67 -2.85
CA ASP A 522 -0.26 13.12 -2.65
C ASP A 522 -1.59 13.90 -2.83
N ALA A 523 -2.28 13.65 -3.96
CA ALA A 523 -3.55 14.36 -4.23
C ALA A 523 -4.65 14.06 -3.19
N GLU A 524 -4.76 12.81 -2.76
CA GLU A 524 -5.78 12.42 -1.78
C GLU A 524 -5.50 13.10 -0.44
N VAL A 525 -4.23 13.12 -0.06
CA VAL A 525 -3.84 13.77 1.20
C VAL A 525 -4.18 15.28 1.15
N LEU A 526 -3.88 15.93 0.03
CA LEU A 526 -4.21 17.36 -0.09
C LEU A 526 -5.72 17.56 -0.13
N LYS A 527 -6.44 16.79 -0.95
CA LYS A 527 -7.87 16.95 -1.01
C LYS A 527 -8.52 16.71 0.36
N ALA A 528 -8.18 15.63 1.04
CA ALA A 528 -8.78 15.35 2.34
C ALA A 528 -8.48 16.44 3.38
N TYR A 529 -7.26 16.97 3.35
CA TYR A 529 -6.89 18.01 4.31
C TYR A 529 -7.69 19.28 4.00
N ILE A 530 -7.72 19.69 2.74
CA ILE A 530 -8.49 20.88 2.37
C ILE A 530 -9.95 20.69 2.78
N GLN A 531 -10.48 19.49 2.52
CA GLN A 531 -11.87 19.23 2.81
C GLN A 531 -12.18 19.34 4.28
N LYS A 532 -11.36 18.78 5.17
CA LYS A 532 -11.71 18.91 6.60
C LYS A 532 -11.31 20.29 7.17
N SER A 533 -10.46 21.01 6.45
CA SER A 533 -10.00 22.31 6.91
C SER A 533 -10.78 23.52 6.36
N SER A 534 -11.60 23.32 5.34
CA SER A 534 -12.32 24.46 4.76
C SER A 534 -13.40 25.03 5.65
N PRO A 535 -13.70 26.34 5.50
CA PRO A 535 -13.11 27.31 4.56
C PRO A 535 -11.66 27.54 4.96
N LEU A 536 -10.74 27.57 4.00
CA LEU A 536 -9.35 27.76 4.35
C LEU A 536 -9.06 29.23 4.44
N ASP A 537 -8.36 29.63 5.49
CA ASP A 537 -7.93 31.02 5.62
C ASP A 537 -6.48 30.89 5.17
N VAL A 538 -6.18 31.30 3.94
CA VAL A 538 -4.81 31.12 3.46
C VAL A 538 -3.71 31.93 4.14
N SER A 539 -4.05 32.95 4.93
CA SER A 539 -3.01 33.74 5.59
C SER A 539 -2.25 32.83 6.57
N VAL A 540 -2.86 31.71 6.91
CA VAL A 540 -2.29 30.73 7.81
C VAL A 540 -1.08 30.01 7.18
N TYR A 541 -1.06 29.98 5.85
CA TYR A 541 -0.01 29.31 5.10
C TYR A 541 0.98 30.25 4.45
N GLU A 542 0.92 31.54 4.81
CA GLU A 542 1.86 32.53 4.23
C GLU A 542 3.23 32.51 4.89
N PRO A 543 4.28 32.25 4.10
CA PRO A 543 5.66 32.22 4.60
C PRO A 543 6.00 33.59 5.15
N LYS A 544 6.75 33.62 6.25
CA LYS A 544 7.17 34.87 6.87
C LYS A 544 8.71 34.94 7.01
N GLY A 545 9.41 34.48 5.97
CA GLY A 545 10.86 34.50 5.96
C GLY A 545 11.53 33.44 6.85
N GLU A 546 10.83 32.37 7.21
CA GLU A 546 11.44 31.36 8.08
C GLU A 546 12.79 30.85 7.55
N VAL A 547 12.87 30.67 6.25
CA VAL A 547 14.14 30.23 5.69
C VAL A 547 14.59 31.31 4.73
N SER A 548 15.89 31.53 4.67
CA SER A 548 16.46 32.51 3.76
C SER A 548 17.85 32.05 3.38
N TRP A 549 18.34 32.57 2.25
CA TRP A 549 19.67 32.26 1.73
C TRP A 549 20.45 33.55 1.47
N GLN A 550 21.71 33.59 1.88
CA GLN A 550 22.51 34.78 1.68
C GLN A 550 23.99 34.51 1.91
ZN ZN B . -0.54 -1.66 0.42
ZN ZN C . -0.33 -2.41 3.63
C CO3 D . 0.83 0.08 2.76
O1 CO3 D . 0.93 -1.06 2.12
O2 CO3 D . 1.10 1.22 2.28
O3 CO3 D . 0.43 0.03 3.95
S SO4 E . 9.31 20.07 -15.46
O1 SO4 E . 8.35 20.77 -16.34
O2 SO4 E . 9.44 18.62 -15.88
O3 SO4 E . 10.74 20.73 -15.45
O4 SO4 E . 8.81 20.20 -14.02
S SO4 F . -10.73 5.06 -19.76
O1 SO4 F . -10.53 4.08 -20.86
O2 SO4 F . -9.40 5.38 -19.12
O3 SO4 F . -11.39 6.38 -20.24
O4 SO4 F . -11.74 4.49 -18.74
S SO4 G . -16.77 -11.74 -22.44
O1 SO4 G . -17.60 -11.92 -23.66
O2 SO4 G . -15.30 -12.05 -22.80
O3 SO4 G . -16.85 -10.31 -21.83
O4 SO4 G . -17.33 -12.70 -21.33
S SO4 H . -6.84 -11.14 27.21
O1 SO4 H . -7.85 -10.06 27.12
O2 SO4 H . -7.41 -12.42 26.64
O3 SO4 H . -5.49 -10.83 26.48
O4 SO4 H . -6.42 -11.33 28.69
#